data_6K91
#
_entry.id   6K91
#
_cell.length_a   54.700
_cell.length_b   71.690
_cell.length_c   77.140
_cell.angle_alpha   90.00
_cell.angle_beta   99.28
_cell.angle_gamma   90.00
#
_symmetry.space_group_name_H-M   'P 1 21 1'
#
loop_
_entity.id
_entity.type
_entity.pdbx_description
1 polymer 'Pyridoxal kinase, putative'
2 non-polymer "ADENOSINE-5'-DIPHOSPHATE"
3 non-polymer 4,5-bis(hydroxymethyl)-2-methyl-pyridin-3-ol
4 non-polymer 'CALCIUM ION'
5 non-polymer 'PHOSPHATE ION'
6 non-polymer 'CHLORIDE ION'
7 water water
#
_entity_poly.entity_id   1
_entity_poly.type   'polypeptide(L)'
_entity_poly.pdbx_seq_one_letter_code
;MGSSHHHHHHSSGLVPRGSHMTDDKHVLSIQSHVTHGYVGNKAATFPLQLHGFDVDAINTVSLSNHSGYPVIKGHRMDLE
EFTTIMEGLRANDFLSDYAYVLTGYINNRDIVRQVAATVAEIREARQKQGKKDAVFFCDPVMGDDGRLYCKEEVVEAYRE
LLTHADVATPNYFEASILSTVEVKDLASAIEAANWFHTQGTPTVVIKSFAMADDPTHLRFLLSCRDKATGSTKRYTGVVP
YHEGRYTGTGDVFAASLVAFAHSDPMDLAVGKAMGVLQDLIKATIERGGSGKATLSSRELRVTSYPDRLQHPSSVALVTP
LP
;
_entity_poly.pdbx_strand_id   A,B
#
# COMPACT_ATOMS: atom_id res chain seq x y z
N ASP A 23 17.95 -3.04 -12.58
CA ASP A 23 17.69 -1.57 -12.48
C ASP A 23 17.84 -1.12 -11.02
N ASP A 24 17.97 0.18 -10.83
CA ASP A 24 18.16 0.83 -9.52
C ASP A 24 16.83 1.45 -9.07
N LYS A 25 15.70 1.04 -9.63
CA LYS A 25 14.38 1.60 -9.22
C LYS A 25 13.85 0.80 -8.03
N HIS A 26 14.62 0.78 -6.94
CA HIS A 26 14.25 0.21 -5.62
C HIS A 26 14.43 1.30 -4.56
N VAL A 27 13.36 1.55 -3.81
CA VAL A 27 13.29 2.54 -2.69
C VAL A 27 13.00 1.78 -1.38
N LEU A 28 13.77 2.06 -0.34
CA LEU A 28 13.41 1.72 1.05
C LEU A 28 12.71 2.96 1.60
N SER A 29 11.41 2.84 1.90
CA SER A 29 10.55 3.97 2.32
C SER A 29 10.07 3.71 3.75
N ILE A 30 10.49 4.59 4.66
CA ILE A 30 10.31 4.49 6.12
C ILE A 30 9.34 5.60 6.51
N GLN A 31 8.05 5.26 6.65
CA GLN A 31 6.94 6.23 6.78
C GLN A 31 5.83 5.54 7.56
N SER A 32 4.75 6.27 7.80
CA SER A 32 3.54 5.80 8.49
C SER A 32 2.69 4.93 7.56
N HIS A 33 1.94 4.01 8.14
CA HIS A 33 0.82 3.32 7.45
C HIS A 33 -0.50 3.72 8.12
N VAL A 34 -1.47 4.11 7.32
CA VAL A 34 -2.84 4.35 7.82
C VAL A 34 -3.78 3.46 7.02
N THR A 35 -4.82 2.96 7.69
CA THR A 35 -5.89 2.15 7.04
C THR A 35 -6.75 3.09 6.21
N HIS A 36 -7.34 4.11 6.84
CA HIS A 36 -8.16 5.13 6.16
C HIS A 36 -7.27 6.30 5.74
N GLY A 37 -7.49 6.78 4.53
CA GLY A 37 -6.92 8.04 4.03
C GLY A 37 -5.59 7.84 3.34
N TYR A 38 -4.94 8.95 3.00
CA TYR A 38 -3.73 8.99 2.18
C TYR A 38 -2.70 9.92 2.80
N VAL A 39 -1.87 9.34 3.67
CA VAL A 39 -0.60 9.95 4.16
C VAL A 39 0.48 8.88 4.17
N GLY A 40 1.73 9.31 4.35
CA GLY A 40 2.92 8.46 4.52
C GLY A 40 3.04 7.45 3.40
N ASN A 41 3.31 6.20 3.75
CA ASN A 41 3.64 5.12 2.77
C ASN A 41 2.46 4.86 1.84
N LYS A 42 1.24 5.10 2.30
CA LYS A 42 0.06 4.85 1.47
C LYS A 42 0.00 5.90 0.36
N ALA A 43 0.31 7.15 0.70
CA ALA A 43 0.43 8.27 -0.26
C ALA A 43 1.63 8.08 -1.19
N ALA A 44 2.75 7.56 -0.69
CA ALA A 44 4.04 7.53 -1.42
C ALA A 44 4.08 6.33 -2.34
N THR A 45 3.47 5.20 -1.94
CA THR A 45 3.75 3.90 -2.59
C THR A 45 3.18 3.88 -4.01
N PHE A 46 1.89 4.21 -4.17
CA PHE A 46 1.15 4.12 -5.46
C PHE A 46 1.86 4.94 -6.54
N PRO A 47 2.14 6.25 -6.31
CA PRO A 47 2.88 7.04 -7.29
C PRO A 47 4.25 6.43 -7.67
N LEU A 48 5.04 5.99 -6.68
CA LEU A 48 6.37 5.37 -6.99
C LEU A 48 6.17 4.08 -7.81
N GLN A 49 5.18 3.27 -7.45
CA GLN A 49 4.93 2.01 -8.21
C GLN A 49 4.53 2.37 -9.66
N LEU A 50 3.68 3.38 -9.85
CA LEU A 50 3.28 3.82 -11.21
C LEU A 50 4.53 4.28 -11.97
N HIS A 51 5.57 4.76 -11.29
CA HIS A 51 6.82 5.20 -11.96
C HIS A 51 7.76 4.02 -12.19
N GLY A 52 7.34 2.79 -11.88
CA GLY A 52 8.13 1.57 -12.13
C GLY A 52 9.08 1.26 -10.99
N PHE A 53 8.92 1.86 -9.80
CA PHE A 53 9.80 1.53 -8.65
C PHE A 53 9.22 0.38 -7.81
N ASP A 54 10.10 -0.50 -7.31
CA ASP A 54 9.78 -1.39 -6.18
C ASP A 54 9.88 -0.58 -4.88
N VAL A 55 8.78 -0.47 -4.15
CA VAL A 55 8.75 0.25 -2.84
C VAL A 55 8.80 -0.81 -1.75
N ASP A 56 9.92 -0.84 -1.03
CA ASP A 56 10.09 -1.64 0.21
C ASP A 56 9.74 -0.69 1.37
N ALA A 57 8.54 -0.83 1.94
CA ALA A 57 8.01 0.05 3.00
C ALA A 57 8.29 -0.55 4.39
N ILE A 58 8.91 0.25 5.24
CA ILE A 58 8.90 0.01 6.71
C ILE A 58 7.90 0.97 7.33
N ASN A 59 6.87 0.41 7.96
CA ASN A 59 5.73 1.20 8.51
C ASN A 59 6.03 1.53 9.97
N THR A 60 6.38 2.78 10.23
CA THR A 60 6.85 3.27 11.55
C THR A 60 5.67 3.28 12.53
N VAL A 61 4.47 3.44 12.00
CA VAL A 61 3.19 3.30 12.77
C VAL A 61 2.21 2.60 11.84
N SER A 62 1.23 1.91 12.41
CA SER A 62 0.09 1.33 11.68
C SER A 62 -1.18 1.80 12.38
N LEU A 63 -1.76 2.88 11.87
CA LEU A 63 -2.82 3.64 12.56
C LEU A 63 -4.12 3.57 11.77
N SER A 64 -5.23 3.85 12.43
CA SER A 64 -6.57 3.83 11.78
C SER A 64 -6.66 4.94 10.73
N ASN A 65 -6.02 6.09 10.95
CA ASN A 65 -6.14 7.30 10.08
C ASN A 65 -5.04 8.28 10.43
N HIS A 66 -4.99 9.43 9.76
CA HIS A 66 -3.94 10.44 10.06
C HIS A 66 -4.31 11.19 11.35
N SER A 67 -3.36 11.99 11.85
CA SER A 67 -3.42 12.62 13.19
C SER A 67 -4.40 13.80 13.23
N GLY A 68 -4.93 14.25 12.10
CA GLY A 68 -5.86 15.38 11.98
C GLY A 68 -7.26 15.03 12.51
N TYR A 69 -7.60 13.74 12.54
CA TYR A 69 -8.94 13.26 12.96
C TYR A 69 -9.00 13.36 14.49
N PRO A 70 -10.21 13.55 15.05
CA PRO A 70 -10.43 13.57 16.51
C PRO A 70 -9.95 12.34 17.27
N VAL A 71 -9.93 11.17 16.62
CA VAL A 71 -9.48 9.88 17.21
C VAL A 71 -8.43 9.29 16.28
N ILE A 72 -7.33 8.81 16.87
CA ILE A 72 -6.25 8.08 16.13
C ILE A 72 -5.84 6.88 16.98
N LYS A 73 -5.97 5.67 16.43
CA LYS A 73 -5.72 4.41 17.15
C LYS A 73 -4.76 3.55 16.33
N GLY A 74 -3.87 2.84 17.00
CA GLY A 74 -3.11 1.75 16.37
C GLY A 74 -1.76 1.61 16.99
N HIS A 75 -0.88 0.92 16.28
CA HIS A 75 0.43 0.45 16.79
C HIS A 75 1.53 1.39 16.31
N ARG A 76 2.53 1.65 17.18
CA ARG A 76 3.74 2.43 16.87
C ARG A 76 4.96 1.55 17.10
N MET A 77 5.88 1.54 16.15
CA MET A 77 7.19 0.86 16.27
C MET A 77 7.98 1.48 17.42
N ASP A 78 8.71 0.67 18.16
CA ASP A 78 9.86 1.15 18.98
C ASP A 78 11.14 0.81 18.21
N LEU A 79 12.29 1.16 18.76
CA LEU A 79 13.60 0.98 18.08
C LEU A 79 13.82 -0.49 17.76
N GLU A 80 13.47 -1.36 18.72
CA GLU A 80 13.67 -2.82 18.62
C GLU A 80 12.88 -3.37 17.43
N GLU A 81 11.63 -2.96 17.24
CA GLU A 81 10.83 -3.37 16.06
C GLU A 81 11.53 -2.94 14.76
N PHE A 82 12.10 -1.72 14.72
CA PHE A 82 12.81 -1.19 13.54
C PHE A 82 14.05 -2.08 13.29
N THR A 83 14.89 -2.29 14.31
CA THR A 83 16.15 -3.07 14.17
C THR A 83 15.77 -4.51 13.83
N THR A 84 14.63 -5.01 14.31
CA THR A 84 14.18 -6.38 13.93
C THR A 84 13.96 -6.46 12.42
N ILE A 85 13.17 -5.53 11.84
CA ILE A 85 12.94 -5.56 10.36
C ILE A 85 14.29 -5.44 9.66
N MET A 86 15.15 -4.53 10.09
CA MET A 86 16.46 -4.30 9.47
C MET A 86 17.24 -5.62 9.48
N GLU A 87 17.14 -6.43 10.53
CA GLU A 87 17.91 -7.72 10.59
C GLU A 87 17.41 -8.65 9.48
N GLY A 88 16.11 -8.70 9.23
CA GLY A 88 15.54 -9.47 8.11
C GLY A 88 16.10 -9.01 6.78
N LEU A 89 16.16 -7.70 6.56
CA LEU A 89 16.59 -7.15 5.24
C LEU A 89 18.08 -7.44 5.06
N ARG A 90 18.86 -7.34 6.14
CA ARG A 90 20.32 -7.64 6.16
C ARG A 90 20.55 -9.12 5.84
N ALA A 91 19.88 -10.02 6.57
CA ALA A 91 20.13 -11.48 6.50
C ALA A 91 19.77 -11.99 5.10
N ASN A 92 18.83 -11.34 4.42
CA ASN A 92 18.36 -11.79 3.07
C ASN A 92 19.12 -10.99 2.02
N ASP A 93 20.12 -10.17 2.39
CA ASP A 93 20.99 -9.49 1.41
C ASP A 93 20.13 -8.57 0.53
N PHE A 94 19.20 -7.84 1.13
CA PHE A 94 18.33 -6.92 0.36
C PHE A 94 18.89 -5.51 0.34
N LEU A 95 19.81 -5.18 1.25
CA LEU A 95 20.21 -3.78 1.53
C LEU A 95 20.90 -3.15 0.29
N SER A 96 21.63 -3.94 -0.50
CA SER A 96 22.37 -3.41 -1.68
C SER A 96 21.40 -3.04 -2.80
N ASP A 97 20.15 -3.48 -2.74
CA ASP A 97 19.14 -3.15 -3.78
C ASP A 97 18.70 -1.68 -3.67
N TYR A 98 18.87 -1.05 -2.53
CA TYR A 98 18.23 0.26 -2.24
C TYR A 98 19.11 1.38 -2.81
N ALA A 99 18.85 1.78 -4.06
CA ALA A 99 19.44 2.95 -4.75
C ALA A 99 18.90 4.23 -4.13
N TYR A 100 17.73 4.16 -3.48
CA TYR A 100 17.04 5.32 -2.88
C TYR A 100 16.57 4.93 -1.48
N VAL A 101 16.72 5.87 -0.53
CA VAL A 101 16.11 5.78 0.80
C VAL A 101 15.27 7.04 0.94
N LEU A 102 14.02 6.87 1.34
CA LEU A 102 13.03 7.95 1.53
C LEU A 102 12.45 7.82 2.93
N THR A 103 12.65 8.80 3.79
CA THR A 103 12.08 8.76 5.15
C THR A 103 11.05 9.90 5.26
N GLY A 104 9.92 9.57 5.89
CA GLY A 104 8.82 10.51 6.21
C GLY A 104 8.45 10.32 7.67
N TYR A 105 7.16 10.15 7.96
CA TYR A 105 6.62 10.08 9.35
C TYR A 105 7.36 8.97 10.11
N ILE A 106 8.08 9.38 11.16
CA ILE A 106 8.73 8.46 12.12
C ILE A 106 8.26 8.81 13.53
N ASN A 107 8.41 10.07 13.94
CA ASN A 107 7.90 10.55 15.25
C ASN A 107 8.44 9.68 16.39
N ASN A 108 9.70 9.27 16.27
CA ASN A 108 10.38 8.44 17.29
C ASN A 108 11.87 8.80 17.26
N ARG A 109 12.34 9.42 18.33
CA ARG A 109 13.71 10.00 18.36
C ARG A 109 14.74 8.89 18.08
N ASP A 110 14.53 7.69 18.61
CA ASP A 110 15.51 6.58 18.50
C ASP A 110 15.54 6.05 17.08
N ILE A 111 14.37 5.86 16.45
CA ILE A 111 14.33 5.42 15.03
C ILE A 111 14.92 6.51 14.14
N VAL A 112 14.56 7.80 14.31
CA VAL A 112 15.17 8.87 13.48
C VAL A 112 16.70 8.76 13.59
N ARG A 113 17.23 8.60 14.80
CA ARG A 113 18.71 8.49 15.05
C ARG A 113 19.27 7.30 14.26
N GLN A 114 18.58 6.16 14.33
CA GLN A 114 18.99 4.88 13.68
C GLN A 114 19.02 4.97 12.14
N VAL A 115 18.35 5.93 11.52
CA VAL A 115 18.30 6.03 10.02
C VAL A 115 19.70 6.30 9.46
N ALA A 116 20.55 7.09 10.14
CA ALA A 116 21.94 7.37 9.70
C ALA A 116 22.71 6.06 9.56
N ALA A 117 22.64 5.16 10.55
CA ALA A 117 23.35 3.86 10.53
C ALA A 117 22.76 2.99 9.41
N THR A 118 21.43 2.99 9.24
CA THR A 118 20.75 2.23 8.16
C THR A 118 21.30 2.68 6.81
N VAL A 119 21.30 3.99 6.57
CA VAL A 119 21.73 4.54 5.27
C VAL A 119 23.22 4.18 5.09
N ALA A 120 24.05 4.34 6.13
CA ALA A 120 25.51 4.04 6.05
C ALA A 120 25.68 2.57 5.67
N GLU A 121 24.92 1.68 6.29
CA GLU A 121 25.04 0.24 5.97
C GLU A 121 24.61 -0.05 4.53
N ILE A 122 23.58 0.62 4.03
CA ILE A 122 23.16 0.47 2.61
C ILE A 122 24.30 0.96 1.70
N ARG A 123 24.91 2.10 2.02
CA ARG A 123 25.98 2.66 1.14
C ARG A 123 27.16 1.69 1.10
N GLU A 124 27.53 1.07 2.23
CA GLU A 124 28.66 0.09 2.30
C GLU A 124 28.30 -1.17 1.49
N ALA A 125 27.09 -1.72 1.63
CA ALA A 125 26.65 -2.91 0.86
C ALA A 125 26.67 -2.60 -0.65
N ARG A 126 26.32 -1.36 -1.01
CA ARG A 126 26.31 -0.92 -2.43
C ARG A 126 27.76 -0.84 -2.95
N GLN A 127 28.63 -0.15 -2.21
CA GLN A 127 30.09 -0.05 -2.56
C GLN A 127 30.60 -1.48 -2.77
N LYS A 128 30.43 -2.37 -1.76
CA LYS A 128 30.91 -3.78 -1.77
C LYS A 128 30.53 -4.48 -3.07
N GLN A 129 29.36 -4.19 -3.65
CA GLN A 129 28.79 -4.86 -4.86
C GLN A 129 29.03 -4.07 -6.16
N GLY A 130 29.94 -3.08 -6.17
CA GLY A 130 30.20 -2.25 -7.36
C GLY A 130 28.96 -1.55 -7.89
N LYS A 131 28.13 -1.00 -7.00
CA LYS A 131 26.90 -0.26 -7.39
C LYS A 131 27.15 1.24 -7.18
N LYS A 132 26.44 2.10 -7.86
CA LYS A 132 26.56 3.55 -7.58
C LYS A 132 25.96 3.80 -6.21
N ASP A 133 26.31 4.92 -5.63
CA ASP A 133 25.90 5.31 -4.26
C ASP A 133 24.38 5.51 -4.25
N ALA A 134 23.77 5.29 -3.08
CA ALA A 134 22.34 5.58 -2.82
C ALA A 134 22.11 7.09 -2.73
N VAL A 135 20.86 7.50 -2.92
CA VAL A 135 20.43 8.86 -2.56
C VAL A 135 19.39 8.74 -1.45
N PHE A 136 19.69 9.40 -0.33
CA PHE A 136 18.86 9.45 0.87
C PHE A 136 18.09 10.77 0.82
N PHE A 137 16.77 10.64 0.65
CA PHE A 137 15.76 11.73 0.72
C PHE A 137 15.15 11.72 2.11
N CYS A 138 15.41 12.78 2.89
CA CYS A 138 14.90 12.94 4.26
C CYS A 138 13.83 14.03 4.26
N ASP A 139 12.58 13.60 4.41
CA ASP A 139 11.41 14.48 4.70
C ASP A 139 11.28 14.58 6.21
N PRO A 140 11.69 15.69 6.88
CA PRO A 140 11.74 15.71 8.34
C PRO A 140 10.33 16.02 8.90
N VAL A 141 9.50 14.98 8.95
CA VAL A 141 8.05 15.12 9.24
C VAL A 141 7.84 15.38 10.74
N MET A 142 7.49 16.62 11.08
CA MET A 142 7.41 17.05 12.50
C MET A 142 6.13 17.85 12.80
N GLY A 143 5.58 18.56 11.82
CA GLY A 143 4.45 19.45 12.11
C GLY A 143 4.00 20.20 10.88
N ASP A 144 2.98 21.05 11.05
CA ASP A 144 2.38 21.85 9.95
C ASP A 144 1.44 22.88 10.56
N ASP A 145 1.08 23.91 9.78
CA ASP A 145 0.15 25.00 10.19
C ASP A 145 0.48 25.39 11.63
N GLY A 146 1.75 25.72 11.91
CA GLY A 146 2.25 26.25 13.22
C GLY A 146 2.23 25.26 14.38
N ARG A 147 1.86 23.99 14.17
CA ARG A 147 1.69 22.96 15.23
C ARG A 147 2.71 21.82 15.02
N LEU A 148 3.52 21.54 16.05
CA LEU A 148 4.38 20.33 16.19
C LEU A 148 3.46 19.14 16.40
N TYR A 149 3.68 18.01 15.72
CA TYR A 149 3.03 16.71 16.04
C TYR A 149 4.10 15.72 16.52
N CYS A 150 5.20 16.18 17.15
CA CYS A 150 6.31 15.36 17.71
C CYS A 150 6.90 15.99 18.98
N LYS A 151 7.62 15.22 19.79
CA LYS A 151 8.34 15.75 20.98
C LYS A 151 9.57 16.56 20.52
N GLU A 152 9.96 17.57 21.31
CA GLU A 152 11.13 18.44 21.04
C GLU A 152 12.38 17.59 20.78
N GLU A 153 12.45 16.39 21.39
CA GLU A 153 13.52 15.39 21.17
C GLU A 153 13.62 15.10 19.66
N VAL A 154 12.49 14.98 18.96
CA VAL A 154 12.53 14.52 17.54
C VAL A 154 13.13 15.63 16.68
N VAL A 155 12.87 16.91 17.02
CA VAL A 155 13.45 18.07 16.27
C VAL A 155 14.99 17.92 16.22
N GLU A 156 15.65 17.70 17.35
CA GLU A 156 17.13 17.68 17.40
C GLU A 156 17.66 16.45 16.64
N ALA A 157 17.02 15.29 16.81
CA ALA A 157 17.37 14.06 16.08
C ALA A 157 17.31 14.33 14.57
N TYR A 158 16.32 15.07 14.07
CA TYR A 158 16.31 15.47 12.64
C TYR A 158 17.50 16.37 12.29
N ARG A 159 17.81 17.38 13.08
CA ARG A 159 19.01 18.24 12.84
C ARG A 159 20.21 17.31 12.65
N GLU A 160 20.36 16.29 13.47
CA GLU A 160 21.55 15.40 13.38
C GLU A 160 21.43 14.43 12.21
N LEU A 161 20.22 13.95 11.88
CA LEU A 161 20.07 13.05 10.70
C LEU A 161 20.38 13.84 9.42
N LEU A 162 19.96 15.11 9.38
CA LEU A 162 20.06 15.94 8.14
C LEU A 162 21.52 16.11 7.72
N THR A 163 22.47 16.01 8.64
CA THR A 163 23.91 16.06 8.28
C THR A 163 24.23 14.87 7.36
N HIS A 164 23.42 13.80 7.32
CA HIS A 164 23.71 12.58 6.54
C HIS A 164 22.78 12.46 5.33
N ALA A 165 21.90 13.44 5.12
CA ALA A 165 20.85 13.41 4.08
C ALA A 165 21.44 13.98 2.78
N ASP A 166 21.04 13.43 1.64
CA ASP A 166 21.40 13.94 0.28
C ASP A 166 20.40 15.03 -0.12
N VAL A 167 19.13 14.81 0.21
CA VAL A 167 18.03 15.73 -0.18
C VAL A 167 17.10 15.85 1.03
N ALA A 168 16.70 17.07 1.34
CA ALA A 168 15.69 17.29 2.41
C ALA A 168 14.52 18.10 1.85
N THR A 169 13.29 17.81 2.32
CA THR A 169 12.02 18.34 1.75
C THR A 169 11.15 18.87 2.86
N PRO A 170 11.68 19.77 3.71
CA PRO A 170 10.88 20.35 4.78
C PRO A 170 9.72 21.19 4.23
N ASN A 171 8.57 21.18 4.92
CA ASN A 171 7.55 22.25 4.78
C ASN A 171 8.13 23.49 5.47
N TYR A 172 7.47 24.66 5.36
CA TYR A 172 8.11 25.92 5.83
C TYR A 172 8.19 25.90 7.37
N PHE A 173 7.25 25.24 8.03
CA PHE A 173 7.25 25.08 9.51
C PHE A 173 8.50 24.29 9.91
N GLU A 174 8.73 23.16 9.25
CA GLU A 174 9.88 22.28 9.57
C GLU A 174 11.20 23.03 9.33
N ALA A 175 11.32 23.71 8.20
CA ALA A 175 12.51 24.52 7.90
C ALA A 175 12.72 25.54 9.04
N SER A 176 11.63 26.14 9.52
CA SER A 176 11.64 27.23 10.54
C SER A 176 12.19 26.68 11.87
N ILE A 177 11.67 25.56 12.37
CA ILE A 177 12.03 25.06 13.72
C ILE A 177 13.40 24.41 13.66
N LEU A 178 13.77 23.78 12.53
CA LEU A 178 15.13 23.18 12.42
C LEU A 178 16.20 24.27 12.42
N SER A 179 16.03 25.30 11.59
CA SER A 179 17.04 26.36 11.33
C SER A 179 16.97 27.46 12.39
N THR A 180 15.82 27.58 13.05
CA THR A 180 15.38 28.64 13.99
C THR A 180 15.20 29.97 13.24
N VAL A 181 15.07 29.95 11.92
CA VAL A 181 14.70 31.13 11.10
C VAL A 181 13.20 31.04 10.79
N GLU A 182 12.44 32.11 11.04
CA GLU A 182 11.01 32.21 10.68
C GLU A 182 10.92 32.26 9.15
N VAL A 183 10.52 31.18 8.49
CA VAL A 183 10.38 31.17 7.01
C VAL A 183 9.04 31.81 6.68
N LYS A 184 9.07 33.04 6.17
CA LYS A 184 7.86 33.81 5.84
C LYS A 184 7.96 34.43 4.44
N ASP A 185 9.14 34.42 3.80
CA ASP A 185 9.31 34.99 2.45
C ASP A 185 10.51 34.31 1.78
N LEU A 186 10.87 34.76 0.58
CA LEU A 186 11.99 34.16 -0.20
C LEU A 186 13.30 34.34 0.57
N ALA A 187 13.58 35.55 1.08
CA ALA A 187 14.82 35.87 1.84
C ALA A 187 14.99 34.91 3.04
N SER A 188 13.98 34.77 3.88
CA SER A 188 14.06 33.94 5.12
C SER A 188 14.17 32.44 4.73
N ALA A 189 13.45 31.99 3.70
CA ALA A 189 13.58 30.62 3.13
C ALA A 189 15.04 30.34 2.75
N ILE A 190 15.69 31.27 2.03
CA ILE A 190 17.13 31.17 1.67
C ILE A 190 17.97 31.04 2.95
N GLU A 191 17.74 31.88 3.98
CA GLU A 191 18.48 31.80 5.26
C GLU A 191 18.33 30.40 5.86
N ALA A 192 17.10 29.88 5.90
CA ALA A 192 16.81 28.54 6.46
C ALA A 192 17.53 27.46 5.63
N ALA A 193 17.45 27.51 4.29
CA ALA A 193 18.12 26.55 3.40
C ALA A 193 19.63 26.58 3.64
N ASN A 194 20.23 27.78 3.81
CA ASN A 194 21.66 27.93 4.09
C ASN A 194 22.05 27.14 5.36
N TRP A 195 21.20 27.21 6.39
CA TRP A 195 21.37 26.43 7.64
C TRP A 195 21.47 24.94 7.30
N PHE A 196 20.53 24.41 6.50
CA PHE A 196 20.54 22.99 6.06
C PHE A 196 21.86 22.67 5.38
N HIS A 197 22.33 23.52 4.45
CA HIS A 197 23.63 23.30 3.75
C HIS A 197 24.76 23.28 4.77
N THR A 198 24.84 24.26 5.68
CA THR A 198 25.92 24.31 6.72
C THR A 198 25.86 23.02 7.54
N GLN A 199 24.65 22.51 7.79
CA GLN A 199 24.36 21.28 8.59
C GLN A 199 24.93 20.05 7.85
N GLY A 200 25.00 20.10 6.52
CA GLY A 200 25.56 19.00 5.71
C GLY A 200 24.62 18.51 4.61
N THR A 201 23.42 19.04 4.48
CA THR A 201 22.44 18.63 3.44
C THR A 201 22.71 19.39 2.14
N PRO A 202 23.20 18.76 1.05
CA PRO A 202 23.51 19.52 -0.16
C PRO A 202 22.30 20.10 -0.91
N THR A 203 21.15 19.45 -0.88
CA THR A 203 19.96 19.81 -1.68
C THR A 203 18.76 19.97 -0.77
N VAL A 204 18.13 21.14 -0.81
CA VAL A 204 16.97 21.45 0.05
C VAL A 204 15.86 21.98 -0.83
N VAL A 205 14.67 21.41 -0.66
CA VAL A 205 13.42 21.97 -1.24
C VAL A 205 12.57 22.44 -0.08
N ILE A 206 12.33 23.74 0.01
CA ILE A 206 11.29 24.28 0.94
C ILE A 206 10.01 24.37 0.12
N LYS A 207 9.07 23.47 0.39
CA LYS A 207 8.04 23.06 -0.60
C LYS A 207 7.02 24.18 -0.83
N SER A 208 6.80 25.06 0.15
CA SER A 208 5.86 26.21 -0.01
C SER A 208 5.98 27.18 1.15
N PHE A 209 5.72 28.46 0.86
CA PHE A 209 5.62 29.57 1.83
C PHE A 209 4.92 30.76 1.16
N ALA A 210 4.46 31.71 1.97
CA ALA A 210 3.70 32.93 1.57
C ALA A 210 4.25 33.57 0.29
CA ASP A 213 2.39 39.77 -0.77
C ASP A 213 1.66 39.41 -2.08
N ASP A 214 1.12 38.18 -2.18
CA ASP A 214 0.28 37.63 -3.28
C ASP A 214 -0.50 36.44 -2.70
N PRO A 215 -1.73 36.64 -2.20
CA PRO A 215 -2.39 35.62 -1.38
C PRO A 215 -2.84 34.39 -2.18
N THR A 216 -2.83 34.47 -3.52
CA THR A 216 -3.41 33.45 -4.44
C THR A 216 -2.32 32.50 -4.96
N HIS A 217 -1.06 32.70 -4.54
CA HIS A 217 0.07 31.81 -4.91
C HIS A 217 0.88 31.40 -3.68
N LEU A 218 1.49 30.23 -3.76
CA LEU A 218 2.60 29.79 -2.87
C LEU A 218 3.89 29.79 -3.67
N ARG A 219 4.98 30.22 -3.03
CA ARG A 219 6.34 30.21 -3.60
C ARG A 219 7.08 29.01 -2.99
N PHE A 220 8.04 28.45 -3.72
CA PHE A 220 8.91 27.36 -3.22
C PHE A 220 10.36 27.72 -3.51
N LEU A 221 11.28 27.12 -2.77
CA LEU A 221 12.74 27.31 -2.93
C LEU A 221 13.37 25.94 -3.15
N LEU A 222 14.21 25.84 -4.18
CA LEU A 222 15.17 24.74 -4.36
C LEU A 222 16.54 25.37 -4.19
N SER A 223 17.35 24.83 -3.30
CA SER A 223 18.72 25.31 -2.97
C SER A 223 19.69 24.13 -3.07
N CYS A 224 20.70 24.24 -3.92
CA CYS A 224 21.71 23.17 -4.16
C CYS A 224 23.10 23.73 -3.89
N ARG A 225 23.71 23.32 -2.79
CA ARG A 225 25.09 23.62 -2.38
C ARG A 225 26.01 22.64 -3.12
N THR A 229 32.80 22.50 -3.51
CA THR A 229 32.97 23.75 -4.31
C THR A 229 32.46 24.98 -3.54
N GLY A 230 31.59 24.81 -2.53
CA GLY A 230 31.17 25.86 -1.57
C GLY A 230 30.06 26.76 -2.08
N SER A 231 29.75 26.71 -3.37
CA SER A 231 28.78 27.62 -4.05
C SER A 231 27.37 27.01 -3.96
N THR A 232 26.36 27.87 -4.01
CA THR A 232 24.92 27.50 -3.90
C THR A 232 24.16 27.98 -5.13
N LYS A 233 23.49 27.08 -5.85
CA LYS A 233 22.54 27.42 -6.94
C LYS A 233 21.13 27.39 -6.35
N ARG A 234 20.39 28.49 -6.50
CA ARG A 234 19.03 28.61 -5.94
C ARG A 234 18.05 28.82 -7.09
N TYR A 235 16.85 28.31 -6.87
CA TYR A 235 15.71 28.39 -7.80
C TYR A 235 14.43 28.66 -7.02
N THR A 236 13.52 29.36 -7.68
CA THR A 236 12.19 29.62 -7.12
C THR A 236 11.15 29.42 -8.23
N GLY A 237 9.90 29.47 -7.81
CA GLY A 237 8.72 29.17 -8.62
C GLY A 237 7.50 29.34 -7.75
N VAL A 238 6.33 29.21 -8.35
CA VAL A 238 5.04 29.49 -7.68
C VAL A 238 4.09 28.40 -8.12
N VAL A 239 3.10 28.09 -7.28
CA VAL A 239 1.92 27.28 -7.67
C VAL A 239 0.69 28.06 -7.23
N PRO A 240 -0.48 27.84 -7.86
CA PRO A 240 -1.74 28.38 -7.32
C PRO A 240 -1.95 27.94 -5.87
N TYR A 241 -2.39 28.86 -5.00
CA TYR A 241 -2.81 28.53 -3.62
C TYR A 241 -4.28 28.11 -3.70
N HIS A 242 -4.58 26.88 -3.30
CA HIS A 242 -5.97 26.41 -3.13
C HIS A 242 -6.31 26.60 -1.66
N GLU A 243 -7.42 27.27 -1.33
CA GLU A 243 -7.87 27.42 0.08
C GLU A 243 -8.20 25.99 0.54
N GLY A 244 -8.10 25.76 1.85
CA GLY A 244 -8.31 24.43 2.46
C GLY A 244 -7.00 23.84 2.95
N ARG A 245 -7.10 22.93 3.91
CA ARG A 245 -5.97 22.23 4.58
C ARG A 245 -5.96 20.79 4.05
N TYR A 246 -4.89 20.41 3.33
CA TYR A 246 -4.70 19.02 2.83
C TYR A 246 -3.61 18.38 3.68
N THR A 247 -3.71 17.08 3.93
CA THR A 247 -2.61 16.32 4.58
C THR A 247 -2.17 15.24 3.58
N GLY A 248 -0.90 14.86 3.63
CA GLY A 248 -0.31 13.88 2.70
C GLY A 248 0.32 14.52 1.47
N THR A 249 0.19 15.84 1.34
CA THR A 249 0.69 16.62 0.17
C THR A 249 2.22 16.45 0.09
N GLY A 250 2.90 16.65 1.22
CA GLY A 250 4.36 16.47 1.33
C GLY A 250 4.75 15.04 1.02
N ASP A 251 3.94 14.07 1.43
CA ASP A 251 4.27 12.65 1.25
C ASP A 251 4.16 12.34 -0.25
N VAL A 252 3.13 12.84 -0.94
CA VAL A 252 3.05 12.60 -2.41
C VAL A 252 4.19 13.36 -3.09
N PHE A 253 4.48 14.56 -2.62
CA PHE A 253 5.51 15.42 -3.22
C PHE A 253 6.89 14.73 -3.18
N ALA A 254 7.32 14.31 -1.99
CA ALA A 254 8.64 13.67 -1.81
C ALA A 254 8.70 12.39 -2.65
N ALA A 255 7.65 11.58 -2.63
CA ALA A 255 7.57 10.35 -3.47
C ALA A 255 7.78 10.69 -4.94
N SER A 256 7.11 11.72 -5.43
CA SER A 256 7.16 12.17 -6.84
C SER A 256 8.57 12.71 -7.13
N LEU A 257 9.15 13.44 -6.17
CA LEU A 257 10.49 14.03 -6.31
C LEU A 257 11.50 12.91 -6.52
N VAL A 258 11.41 11.83 -5.74
CA VAL A 258 12.27 10.63 -5.90
C VAL A 258 12.05 10.08 -7.31
N ALA A 259 10.81 9.88 -7.71
CA ALA A 259 10.51 9.27 -9.03
C ALA A 259 11.13 10.13 -10.14
N PHE A 260 10.90 11.44 -10.13
CA PHE A 260 11.33 12.29 -11.26
C PHE A 260 12.84 12.50 -11.20
N ALA A 261 13.41 12.60 -10.00
CA ALA A 261 14.85 12.95 -9.84
C ALA A 261 15.72 11.78 -10.34
N HIS A 262 15.16 10.58 -10.43
CA HIS A 262 15.84 9.40 -10.98
C HIS A 262 16.23 9.61 -12.44
N SER A 263 15.46 10.37 -13.22
CA SER A 263 15.78 10.66 -14.64
C SER A 263 15.62 12.15 -15.01
N ASP A 264 15.63 13.08 -14.04
CA ASP A 264 15.60 14.53 -14.30
C ASP A 264 16.63 15.23 -13.42
N PRO A 265 17.15 16.39 -13.87
CA PRO A 265 17.90 17.28 -12.98
C PRO A 265 16.89 17.75 -11.93
N MET A 266 17.39 18.18 -10.77
CA MET A 266 16.54 18.40 -9.57
C MET A 266 15.56 19.54 -9.84
N ASP A 267 15.93 20.54 -10.63
CA ASP A 267 15.03 21.69 -10.87
C ASP A 267 13.78 21.19 -11.61
N LEU A 268 13.96 20.39 -12.68
CA LEU A 268 12.84 19.84 -13.48
C LEU A 268 12.03 18.87 -12.59
N ALA A 269 12.69 18.05 -11.80
CA ALA A 269 12.00 17.06 -10.93
C ALA A 269 11.10 17.81 -9.92
N VAL A 270 11.57 18.90 -9.31
CA VAL A 270 10.71 19.76 -8.45
C VAL A 270 9.53 20.28 -9.29
N GLY A 271 9.78 20.83 -10.49
CA GLY A 271 8.71 21.36 -11.35
C GLY A 271 7.63 20.32 -11.61
N LYS A 272 8.03 19.08 -11.91
CA LYS A 272 7.09 17.99 -12.23
C LYS A 272 6.35 17.55 -10.96
N ALA A 273 7.06 17.43 -9.83
CA ALA A 273 6.44 17.04 -8.55
C ALA A 273 5.39 18.08 -8.15
N MET A 274 5.71 19.38 -8.31
CA MET A 274 4.72 20.48 -8.11
C MET A 274 3.50 20.29 -9.01
N GLY A 275 3.69 19.96 -10.29
CA GLY A 275 2.60 19.72 -11.25
C GLY A 275 1.74 18.55 -10.80
N VAL A 276 2.36 17.45 -10.37
CA VAL A 276 1.63 16.28 -9.80
C VAL A 276 0.73 16.76 -8.66
N LEU A 277 1.25 17.58 -7.75
CA LEU A 277 0.46 18.01 -6.57
C LEU A 277 -0.71 18.90 -7.02
N GLN A 278 -0.51 19.77 -8.02
CA GLN A 278 -1.59 20.70 -8.45
C GLN A 278 -2.70 19.84 -9.04
N ASP A 279 -2.40 18.87 -9.90
CA ASP A 279 -3.40 17.94 -10.48
C ASP A 279 -4.14 17.21 -9.35
N LEU A 280 -3.42 16.67 -8.36
CA LEU A 280 -4.00 15.82 -7.29
C LEU A 280 -4.92 16.68 -6.40
N ILE A 281 -4.52 17.89 -6.06
CA ILE A 281 -5.32 18.80 -5.22
C ILE A 281 -6.56 19.22 -6.00
N LYS A 282 -6.45 19.46 -7.31
CA LYS A 282 -7.61 19.86 -8.16
C LYS A 282 -8.62 18.70 -8.20
N ALA A 283 -8.16 17.48 -8.41
CA ALA A 283 -9.02 16.27 -8.44
C ALA A 283 -9.69 16.08 -7.07
N THR A 284 -8.98 16.38 -5.98
CA THR A 284 -9.52 16.26 -4.60
C THR A 284 -10.65 17.29 -4.43
N ILE A 285 -10.42 18.55 -4.80
CA ILE A 285 -11.46 19.62 -4.82
C ILE A 285 -12.60 19.22 -5.77
N GLU A 286 -12.29 18.81 -7.01
CA GLU A 286 -13.28 18.32 -8.02
C GLU A 286 -14.23 17.28 -7.41
N ARG A 287 -13.73 16.34 -6.62
CA ARG A 287 -14.53 15.20 -6.10
C ARG A 287 -15.10 15.56 -4.71
N GLY A 288 -15.08 16.84 -4.30
CA GLY A 288 -15.79 17.37 -3.10
C GLY A 288 -14.88 18.00 -2.06
N GLY A 289 -13.56 17.99 -2.24
CA GLY A 289 -12.56 18.35 -1.21
C GLY A 289 -12.32 19.85 -1.10
N SER A 290 -13.40 20.64 -0.99
CA SER A 290 -13.37 22.11 -0.77
C SER A 290 -12.58 22.42 0.50
N GLY A 291 -12.27 23.70 0.74
CA GLY A 291 -11.77 24.21 2.03
C GLY A 291 -12.74 23.88 3.16
N LYS A 292 -14.05 24.03 2.91
CA LYS A 292 -15.16 23.92 3.91
C LYS A 292 -15.60 22.45 4.12
N ALA A 293 -15.05 21.49 3.35
CA ALA A 293 -15.48 20.07 3.35
C ALA A 293 -14.87 19.34 4.56
N THR A 294 -15.26 18.09 4.78
CA THR A 294 -14.79 17.23 5.90
C THR A 294 -13.34 16.79 5.68
N LEU A 295 -12.68 16.33 6.74
CA LEU A 295 -11.32 15.70 6.67
C LEU A 295 -11.33 14.58 5.62
N SER A 296 -12.40 13.78 5.60
CA SER A 296 -12.56 12.58 4.72
C SER A 296 -12.62 13.04 3.26
N SER A 297 -13.41 14.08 3.00
CA SER A 297 -13.57 14.72 1.68
C SER A 297 -12.24 15.35 1.22
N ARG A 298 -11.44 15.84 2.16
CA ARG A 298 -10.15 16.51 1.83
C ARG A 298 -9.02 15.48 1.66
N GLU A 299 -9.24 14.21 1.98
CA GLU A 299 -8.22 13.16 1.77
C GLU A 299 -7.84 13.18 0.28
N LEU A 300 -6.56 13.15 -0.03
CA LEU A 300 -6.12 13.27 -1.43
C LEU A 300 -6.69 12.10 -2.24
N ARG A 301 -7.24 12.38 -3.42
CA ARG A 301 -7.75 11.35 -4.37
C ARG A 301 -6.59 10.68 -5.08
N VAL A 302 -5.77 9.96 -4.34
CA VAL A 302 -4.47 9.46 -4.90
C VAL A 302 -4.77 8.47 -6.03
N THR A 303 -5.86 7.70 -5.97
CA THR A 303 -6.19 6.63 -6.96
C THR A 303 -6.92 7.18 -8.18
N SER A 304 -7.36 8.44 -8.15
CA SER A 304 -8.36 8.95 -9.12
C SER A 304 -7.77 9.07 -10.54
N TYR A 305 -6.53 9.56 -10.69
CA TYR A 305 -5.95 9.93 -12.01
C TYR A 305 -4.52 9.45 -12.09
N PRO A 306 -4.30 8.12 -12.16
CA PRO A 306 -2.94 7.57 -12.18
C PRO A 306 -2.06 8.14 -13.29
N ASP A 307 -2.61 8.46 -14.46
CA ASP A 307 -1.81 9.01 -15.58
C ASP A 307 -1.27 10.39 -15.17
N ARG A 308 -2.03 11.14 -14.37
CA ARG A 308 -1.66 12.50 -13.89
C ARG A 308 -0.57 12.40 -12.81
N LEU A 309 -0.41 11.24 -12.17
CA LEU A 309 0.69 11.02 -11.20
C LEU A 309 2.00 10.82 -11.96
N GLN A 310 1.92 10.24 -13.15
CA GLN A 310 3.13 10.03 -13.99
C GLN A 310 3.38 11.25 -14.87
N HIS A 311 2.31 11.86 -15.39
CA HIS A 311 2.33 12.89 -16.47
C HIS A 311 1.42 14.03 -16.06
N PRO A 312 1.89 14.98 -15.23
CA PRO A 312 1.04 16.05 -14.72
C PRO A 312 0.61 16.89 -15.92
N SER A 313 -0.54 17.54 -15.82
CA SER A 313 -1.11 18.38 -16.91
C SER A 313 -0.34 19.70 -16.99
N SER A 314 0.36 20.07 -15.92
CA SER A 314 1.22 21.27 -15.88
C SER A 314 2.55 20.89 -15.23
N VAL A 315 3.61 21.59 -15.61
CA VAL A 315 4.93 21.45 -14.95
C VAL A 315 5.27 22.85 -14.49
N ALA A 316 5.38 23.05 -13.19
CA ALA A 316 5.73 24.36 -12.59
C ALA A 316 7.11 24.77 -13.06
N LEU A 317 7.27 26.03 -13.45
CA LEU A 317 8.60 26.60 -13.75
C LEU A 317 9.40 26.74 -12.47
N VAL A 318 10.67 26.43 -12.59
CA VAL A 318 11.71 26.47 -11.55
C VAL A 318 12.84 27.28 -12.15
N THR A 319 12.92 28.56 -11.80
CA THR A 319 13.71 29.60 -12.49
C THR A 319 14.89 29.99 -11.61
N PRO A 320 16.11 30.02 -12.18
CA PRO A 320 17.31 30.36 -11.43
C PRO A 320 17.19 31.75 -10.80
N LEU A 321 17.69 31.88 -9.57
CA LEU A 321 17.90 33.17 -8.89
C LEU A 321 19.32 33.62 -9.17
N PRO A 322 19.59 34.95 -9.10
CA PRO A 322 20.90 35.50 -9.49
C PRO A 322 22.02 35.19 -8.48
N ASP B 23 -17.92 7.04 -3.28
CA ASP B 23 -17.94 5.87 -4.22
C ASP B 23 -18.09 4.56 -3.42
N ASP B 24 -18.49 3.51 -4.13
CA ASP B 24 -18.66 2.14 -3.60
C ASP B 24 -17.39 1.33 -3.87
N LYS B 25 -16.32 1.97 -4.35
CA LYS B 25 -15.09 1.26 -4.73
C LYS B 25 -14.09 1.38 -3.58
N HIS B 26 -14.51 0.94 -2.40
CA HIS B 26 -13.80 1.07 -1.10
C HIS B 26 -13.72 -0.33 -0.48
N VAL B 27 -12.51 -0.84 -0.28
CA VAL B 27 -12.22 -2.20 0.24
C VAL B 27 -11.50 -2.08 1.57
N LEU B 28 -11.99 -2.76 2.60
CA LEU B 28 -11.19 -3.06 3.81
C LEU B 28 -10.42 -4.37 3.56
N SER B 29 -9.10 -4.32 3.50
CA SER B 29 -8.25 -5.46 3.11
C SER B 29 -7.39 -5.87 4.30
N ILE B 30 -7.73 -7.01 4.89
CA ILE B 30 -7.10 -7.53 6.13
C ILE B 30 -6.16 -8.66 5.72
N GLN B 31 -4.89 -8.32 5.52
CA GLN B 31 -3.88 -9.23 4.94
C GLN B 31 -2.53 -8.87 5.55
N SER B 32 -1.51 -9.59 5.14
CA SER B 32 -0.11 -9.34 5.54
C SER B 32 0.46 -8.09 4.85
N HIS B 33 1.48 -7.53 5.48
CA HIS B 33 2.40 -6.56 4.85
C HIS B 33 3.81 -7.16 4.90
N VAL B 34 4.55 -7.04 3.81
CA VAL B 34 5.99 -7.40 3.83
C VAL B 34 6.76 -6.22 3.27
N THR B 35 7.92 -5.91 3.82
CA THR B 35 8.76 -4.81 3.31
C THR B 35 9.23 -5.20 1.92
N HIS B 36 9.79 -6.39 1.77
CA HIS B 36 10.29 -6.88 0.47
C HIS B 36 9.32 -7.93 -0.10
N GLY B 37 8.91 -7.72 -1.34
CA GLY B 37 8.23 -8.74 -2.17
C GLY B 37 6.73 -8.52 -2.22
N TYR B 38 6.00 -9.48 -2.78
CA TYR B 38 4.61 -9.28 -3.26
C TYR B 38 3.75 -10.43 -2.79
N VAL B 39 3.34 -10.39 -1.52
CA VAL B 39 2.29 -11.28 -0.94
C VAL B 39 1.33 -10.40 -0.18
N GLY B 40 0.15 -10.93 0.13
CA GLY B 40 -0.86 -10.26 0.97
C GLY B 40 -1.15 -8.87 0.44
N ASN B 41 -1.19 -7.85 1.29
CA ASN B 41 -1.55 -6.46 0.88
C ASN B 41 -0.56 -5.92 -0.16
N LYS B 42 0.68 -6.42 -0.24
CA LYS B 42 1.67 -6.00 -1.25
C LYS B 42 1.32 -6.58 -2.64
N ALA B 43 0.60 -7.70 -2.69
CA ALA B 43 0.07 -8.30 -3.95
C ALA B 43 -1.29 -7.70 -4.32
N ALA B 44 -2.10 -7.29 -3.33
CA ALA B 44 -3.53 -6.94 -3.54
C ALA B 44 -3.71 -5.45 -3.82
N THR B 45 -2.89 -4.60 -3.20
CA THR B 45 -3.19 -3.16 -3.11
C THR B 45 -3.03 -2.50 -4.49
N PHE B 46 -1.92 -2.69 -5.16
CA PHE B 46 -1.62 -2.04 -6.46
C PHE B 46 -2.69 -2.39 -7.48
N PRO B 47 -2.99 -3.69 -7.74
CA PRO B 47 -4.04 -4.05 -8.69
C PRO B 47 -5.36 -3.33 -8.41
N LEU B 48 -5.82 -3.34 -7.15
CA LEU B 48 -7.13 -2.74 -6.78
C LEU B 48 -7.08 -1.21 -6.98
N GLN B 49 -5.96 -0.55 -6.66
CA GLN B 49 -5.82 0.93 -6.81
C GLN B 49 -5.88 1.27 -8.31
N LEU B 50 -5.17 0.50 -9.15
CA LEU B 50 -5.18 0.61 -10.64
C LEU B 50 -6.61 0.57 -11.15
N HIS B 51 -7.48 -0.21 -10.50
CA HIS B 51 -8.90 -0.41 -10.88
C HIS B 51 -9.78 0.71 -10.29
N GLY B 52 -9.19 1.64 -9.55
CA GLY B 52 -9.91 2.81 -9.01
C GLY B 52 -10.44 2.57 -7.61
N PHE B 53 -10.00 1.52 -6.91
CA PHE B 53 -10.47 1.23 -5.54
C PHE B 53 -9.57 1.96 -4.53
N ASP B 54 -10.17 2.51 -3.49
CA ASP B 54 -9.47 2.85 -2.22
C ASP B 54 -9.36 1.57 -1.41
N VAL B 55 -8.12 1.15 -1.21
CA VAL B 55 -7.77 -0.05 -0.38
C VAL B 55 -7.41 0.48 1.00
N ASP B 56 -8.26 0.19 1.98
CA ASP B 56 -8.01 0.47 3.41
C ASP B 56 -7.46 -0.83 4.00
N ALA B 57 -6.16 -0.87 4.27
CA ALA B 57 -5.45 -2.08 4.70
C ALA B 57 -5.27 -2.10 6.21
N ILE B 58 -5.63 -3.22 6.79
CA ILE B 58 -5.21 -3.64 8.14
C ILE B 58 -4.18 -4.73 7.92
N ASN B 59 -2.98 -4.49 8.40
CA ASN B 59 -1.82 -5.39 8.19
C ASN B 59 -1.72 -6.33 9.40
N THR B 60 -2.10 -7.57 9.18
CA THR B 60 -2.20 -8.61 10.25
C THR B 60 -0.80 -8.96 10.72
N VAL B 61 0.19 -8.84 9.84
CA VAL B 61 1.64 -8.91 10.18
C VAL B 61 2.36 -7.80 9.39
N SER B 62 3.53 -7.39 9.88
CA SER B 62 4.46 -6.45 9.23
C SER B 62 5.84 -7.07 9.29
N LEU B 63 6.21 -7.81 8.25
CA LEU B 63 7.40 -8.68 8.21
C LEU B 63 8.40 -8.14 7.19
N SER B 64 9.65 -8.58 7.29
CA SER B 64 10.73 -8.18 6.35
C SER B 64 10.37 -8.70 4.96
N ASN B 65 9.74 -9.88 4.89
CA ASN B 65 9.55 -10.62 3.62
C ASN B 65 8.61 -11.79 3.88
N HIS B 66 8.24 -12.51 2.83
CA HIS B 66 7.30 -13.66 2.94
C HIS B 66 8.04 -14.89 3.51
N SER B 67 7.21 -15.88 3.91
CA SER B 67 7.54 -17.07 4.75
C SER B 67 8.48 -18.02 4.00
N GLY B 68 8.89 -17.69 2.77
CA GLY B 68 9.64 -18.58 1.87
C GLY B 68 11.12 -18.27 1.87
N TYR B 69 11.52 -17.06 2.26
CA TYR B 69 12.94 -16.67 2.40
C TYR B 69 13.57 -17.38 3.61
N PRO B 70 14.93 -17.45 3.67
CA PRO B 70 15.62 -18.14 4.78
C PRO B 70 15.34 -17.52 6.15
N VAL B 71 15.13 -16.20 6.19
CA VAL B 71 14.93 -15.42 7.45
C VAL B 71 13.65 -14.57 7.34
N ILE B 72 12.76 -14.71 8.30
CA ILE B 72 11.57 -13.84 8.45
C ILE B 72 11.69 -13.07 9.77
N LYS B 73 11.59 -11.74 9.72
CA LYS B 73 11.59 -10.92 10.94
C LYS B 73 10.39 -9.97 10.93
N GLY B 74 9.89 -9.60 12.09
CA GLY B 74 8.93 -8.50 12.18
C GLY B 74 7.83 -8.78 13.17
N HIS B 75 6.77 -7.99 13.06
CA HIS B 75 5.69 -7.82 14.06
C HIS B 75 4.45 -8.59 13.59
N ARG B 76 3.77 -9.30 14.49
CA ARG B 76 2.43 -9.90 14.22
C ARG B 76 1.43 -9.20 15.13
N MET B 77 0.29 -8.82 14.57
CA MET B 77 -0.85 -8.26 15.35
C MET B 77 -1.30 -9.28 16.41
N ASP B 78 -1.70 -8.84 17.59
CA ASP B 78 -2.55 -9.69 18.46
C ASP B 78 -3.97 -9.17 18.33
N LEU B 79 -4.93 -9.83 18.96
CA LEU B 79 -6.36 -9.43 18.89
C LEU B 79 -6.52 -7.98 19.37
N GLU B 80 -5.79 -7.57 20.42
CA GLU B 80 -5.94 -6.21 21.00
C GLU B 80 -5.54 -5.14 19.97
N GLU B 81 -4.46 -5.36 19.21
CA GLU B 81 -4.06 -4.42 18.13
C GLU B 81 -5.17 -4.30 17.09
N PHE B 82 -5.78 -5.41 16.72
CA PHE B 82 -6.86 -5.45 15.71
C PHE B 82 -8.08 -4.66 16.22
N THR B 83 -8.52 -4.92 17.44
CA THR B 83 -9.72 -4.24 18.01
C THR B 83 -9.39 -2.76 18.25
N THR B 84 -8.16 -2.42 18.59
CA THR B 84 -7.71 -1.01 18.71
C THR B 84 -7.90 -0.30 17.35
N ILE B 85 -7.36 -0.86 16.26
CA ILE B 85 -7.56 -0.28 14.89
C ILE B 85 -9.07 -0.14 14.63
N MET B 86 -9.88 -1.16 14.88
CA MET B 86 -11.37 -1.10 14.68
C MET B 86 -11.97 0.07 15.48
N GLU B 87 -11.53 0.28 16.72
CA GLU B 87 -11.98 1.39 17.60
C GLU B 87 -11.79 2.71 16.83
N GLY B 88 -10.63 2.89 16.19
CA GLY B 88 -10.36 4.13 15.42
C GLY B 88 -11.30 4.28 14.23
N LEU B 89 -11.54 3.20 13.49
CA LEU B 89 -12.40 3.16 12.29
C LEU B 89 -13.86 3.48 12.71
N ARG B 90 -14.32 2.86 13.78
CA ARG B 90 -15.68 3.06 14.38
C ARG B 90 -15.79 4.50 14.85
N ALA B 91 -14.86 5.00 15.66
CA ALA B 91 -14.92 6.34 16.29
C ALA B 91 -14.99 7.43 15.22
N ASN B 92 -14.30 7.29 14.08
CA ASN B 92 -14.34 8.32 13.01
C ASN B 92 -15.49 8.02 12.02
N ASP B 93 -16.33 7.02 12.28
CA ASP B 93 -17.50 6.65 11.41
C ASP B 93 -17.06 6.27 9.98
N PHE B 94 -16.06 5.41 9.82
CA PHE B 94 -15.61 4.99 8.46
C PHE B 94 -16.27 3.68 8.02
N LEU B 95 -16.86 2.90 8.93
CA LEU B 95 -17.26 1.49 8.63
C LEU B 95 -18.27 1.39 7.48
N SER B 96 -19.10 2.41 7.25
CA SER B 96 -20.09 2.40 6.13
C SER B 96 -19.42 2.66 4.79
N ASP B 97 -18.14 3.05 4.78
CA ASP B 97 -17.35 3.23 3.53
C ASP B 97 -17.17 1.91 2.77
N TYR B 98 -17.19 0.77 3.48
CA TYR B 98 -16.64 -0.53 2.99
C TYR B 98 -17.72 -1.34 2.25
N ALA B 99 -17.84 -1.09 0.96
CA ALA B 99 -18.67 -1.89 0.03
C ALA B 99 -18.10 -3.30 -0.07
N TYR B 100 -16.79 -3.47 0.19
CA TYR B 100 -16.09 -4.77 0.10
C TYR B 100 -15.20 -4.96 1.32
N VAL B 101 -15.13 -6.20 1.79
CA VAL B 101 -14.18 -6.64 2.82
C VAL B 101 -13.45 -7.83 2.19
N LEU B 102 -12.14 -7.76 2.16
CA LEU B 102 -11.28 -8.80 1.56
C LEU B 102 -10.38 -9.26 2.69
N THR B 103 -10.46 -10.52 3.10
CA THR B 103 -9.54 -11.06 4.12
C THR B 103 -8.63 -12.09 3.47
N GLY B 104 -7.35 -12.03 3.86
CA GLY B 104 -6.27 -12.92 3.39
C GLY B 104 -5.50 -13.50 4.56
N TYR B 105 -4.17 -13.44 4.51
CA TYR B 105 -3.28 -13.95 5.59
C TYR B 105 -3.61 -13.25 6.92
N ILE B 106 -4.01 -14.05 7.91
CA ILE B 106 -4.27 -13.61 9.31
C ILE B 106 -3.47 -14.54 10.21
N ASN B 107 -3.68 -15.85 10.08
CA ASN B 107 -2.91 -16.91 10.78
C ASN B 107 -2.94 -16.63 12.30
N ASN B 108 -4.11 -16.27 12.81
CA ASN B 108 -4.35 -15.98 14.25
C ASN B 108 -5.81 -16.26 14.55
N ARG B 109 -6.07 -17.28 15.38
CA ARG B 109 -7.43 -17.80 15.68
C ARG B 109 -8.35 -16.67 16.14
N ASP B 110 -7.86 -15.78 17.01
CA ASP B 110 -8.72 -14.77 17.68
C ASP B 110 -9.13 -13.69 16.67
N ILE B 111 -8.22 -13.32 15.79
CA ILE B 111 -8.50 -12.29 14.74
C ILE B 111 -9.38 -12.94 13.68
N VAL B 112 -9.16 -14.19 13.31
CA VAL B 112 -10.05 -14.83 12.29
C VAL B 112 -11.48 -14.75 12.83
N ARG B 113 -11.69 -15.08 14.11
CA ARG B 113 -13.04 -15.08 14.74
C ARG B 113 -13.57 -13.66 14.79
N GLN B 114 -12.72 -12.67 15.14
CA GLN B 114 -13.14 -11.25 15.27
C GLN B 114 -13.61 -10.68 13.93
N VAL B 115 -13.10 -11.17 12.79
CA VAL B 115 -13.50 -10.65 11.45
C VAL B 115 -15.03 -10.71 11.34
N ALA B 116 -15.67 -11.73 11.90
CA ALA B 116 -17.14 -11.90 11.78
C ALA B 116 -17.81 -10.68 12.41
N ALA B 117 -17.38 -10.25 13.59
CA ALA B 117 -17.90 -9.05 14.27
C ALA B 117 -17.62 -7.81 13.42
N THR B 118 -16.40 -7.68 12.88
CA THR B 118 -16.05 -6.54 12.00
C THR B 118 -17.02 -6.51 10.81
N VAL B 119 -17.25 -7.65 10.16
CA VAL B 119 -18.16 -7.67 8.97
C VAL B 119 -19.57 -7.29 9.43
N ALA B 120 -20.03 -7.80 10.57
CA ALA B 120 -21.43 -7.55 11.05
C ALA B 120 -21.59 -6.06 11.35
N GLU B 121 -20.57 -5.43 11.90
CA GLU B 121 -20.60 -3.98 12.24
C GLU B 121 -20.55 -3.16 10.95
N ILE B 122 -19.81 -3.59 9.93
CA ILE B 122 -19.84 -2.93 8.58
C ILE B 122 -21.23 -3.08 7.96
N ARG B 123 -21.78 -4.30 7.94
CA ARG B 123 -23.16 -4.53 7.39
C ARG B 123 -24.16 -3.60 8.08
N GLU B 124 -24.10 -3.53 9.41
CA GLU B 124 -25.03 -2.69 10.19
C GLU B 124 -24.85 -1.23 9.75
N ALA B 125 -23.64 -0.68 9.71
CA ALA B 125 -23.38 0.75 9.41
C ALA B 125 -23.89 1.09 7.99
N ARG B 126 -23.71 0.18 7.03
CA ARG B 126 -24.16 0.36 5.64
C ARG B 126 -25.70 0.30 5.54
N GLN B 127 -26.32 -0.65 6.24
CA GLN B 127 -27.80 -0.81 6.32
C GLN B 127 -28.38 0.47 6.92
N LYS B 128 -27.86 0.91 8.07
CA LYS B 128 -28.35 2.14 8.73
C LYS B 128 -28.28 3.32 7.76
N GLN B 129 -27.26 3.40 6.91
CA GLN B 129 -27.12 4.51 5.95
C GLN B 129 -27.76 4.16 4.61
N GLY B 130 -28.48 3.05 4.51
CA GLY B 130 -29.22 2.64 3.30
C GLY B 130 -28.32 2.38 2.10
N LYS B 131 -27.11 1.89 2.30
CA LYS B 131 -26.18 1.55 1.17
C LYS B 131 -26.36 0.08 0.74
N LYS B 132 -25.85 -0.26 -0.44
CA LYS B 132 -25.83 -1.67 -0.93
C LYS B 132 -25.12 -2.52 0.14
N ASP B 133 -25.61 -3.74 0.41
CA ASP B 133 -24.94 -4.72 1.29
C ASP B 133 -23.44 -4.77 0.92
N ALA B 134 -22.58 -4.87 1.93
CA ALA B 134 -21.15 -5.17 1.76
C ALA B 134 -21.02 -6.58 1.16
N VAL B 135 -19.98 -6.80 0.35
CA VAL B 135 -19.59 -8.14 -0.15
C VAL B 135 -18.30 -8.55 0.57
N PHE B 136 -18.42 -9.55 1.43
CA PHE B 136 -17.27 -10.09 2.20
C PHE B 136 -16.62 -11.20 1.37
N PHE B 137 -15.43 -10.93 0.83
CA PHE B 137 -14.56 -11.95 0.17
C PHE B 137 -13.60 -12.55 1.18
N CYS B 138 -13.74 -13.84 1.45
CA CYS B 138 -12.91 -14.57 2.45
C CYS B 138 -11.93 -15.47 1.72
N ASP B 139 -10.65 -15.10 1.73
CA ASP B 139 -9.56 -15.97 1.25
C ASP B 139 -9.01 -16.68 2.48
N PRO B 140 -9.37 -17.95 2.69
CA PRO B 140 -9.06 -18.64 3.95
C PRO B 140 -7.61 -19.16 3.91
N VAL B 141 -6.67 -18.21 4.06
CA VAL B 141 -5.20 -18.41 3.85
C VAL B 141 -4.66 -19.28 4.99
N MET B 142 -4.24 -20.51 4.67
CA MET B 142 -3.81 -21.48 5.70
C MET B 142 -2.63 -22.32 5.22
N GLY B 143 -2.48 -22.56 3.93
CA GLY B 143 -1.39 -23.39 3.43
C GLY B 143 -1.41 -23.53 1.93
N ASP B 144 -0.40 -24.21 1.42
CA ASP B 144 -0.16 -24.38 -0.04
C ASP B 144 0.94 -25.43 -0.18
N ASP B 145 0.89 -26.23 -1.25
CA ASP B 145 1.96 -27.18 -1.58
C ASP B 145 2.06 -28.19 -0.41
N GLY B 146 0.92 -28.69 0.06
CA GLY B 146 0.82 -29.69 1.15
C GLY B 146 1.10 -29.13 2.54
N ARG B 147 1.76 -27.97 2.65
CA ARG B 147 2.28 -27.43 3.94
C ARG B 147 1.24 -26.49 4.58
N LEU B 148 0.96 -26.68 5.86
CA LEU B 148 0.01 -25.87 6.66
C LEU B 148 0.80 -24.78 7.38
N TYR B 149 0.41 -23.51 7.25
CA TYR B 149 1.05 -22.34 7.90
C TYR B 149 0.53 -22.13 9.34
N CYS B 150 -0.63 -22.68 9.68
CA CYS B 150 -1.38 -22.27 10.89
C CYS B 150 -1.65 -23.47 11.81
N LYS B 151 -1.81 -23.20 13.11
CA LYS B 151 -2.37 -24.15 14.12
C LYS B 151 -3.76 -24.61 13.66
N GLU B 152 -4.16 -25.82 14.05
CA GLU B 152 -5.46 -26.43 13.68
C GLU B 152 -6.63 -25.54 14.15
N GLU B 153 -6.45 -24.78 15.24
CA GLU B 153 -7.53 -23.92 15.81
C GLU B 153 -7.91 -22.87 14.75
N VAL B 154 -6.97 -22.50 13.87
CA VAL B 154 -7.21 -21.52 12.74
C VAL B 154 -8.16 -22.16 11.73
N VAL B 155 -8.00 -23.46 11.46
CA VAL B 155 -8.86 -24.20 10.48
C VAL B 155 -10.31 -24.13 10.96
N GLU B 156 -10.55 -24.46 12.23
CA GLU B 156 -11.94 -24.40 12.77
C GLU B 156 -12.42 -22.95 12.80
N ALA B 157 -11.56 -21.98 13.14
CA ALA B 157 -11.92 -20.55 13.10
C ALA B 157 -12.41 -20.18 11.70
N TYR B 158 -11.78 -20.68 10.65
CA TYR B 158 -12.20 -20.38 9.26
C TYR B 158 -13.53 -21.08 8.96
N ARG B 159 -13.77 -22.30 9.49
CA ARG B 159 -15.09 -22.98 9.27
C ARG B 159 -16.22 -22.09 9.82
N GLU B 160 -16.05 -21.51 11.02
CA GLU B 160 -17.06 -20.60 11.63
C GLU B 160 -17.14 -19.29 10.85
N LEU B 161 -16.02 -18.73 10.41
CA LEU B 161 -16.04 -17.38 9.75
C LEU B 161 -16.75 -17.51 8.39
N LEU B 162 -16.54 -18.63 7.70
CA LEU B 162 -17.15 -18.91 6.37
C LEU B 162 -18.69 -19.01 6.45
N THR B 163 -19.26 -19.12 7.66
CA THR B 163 -20.74 -19.02 7.85
C THR B 163 -21.20 -17.61 7.50
N HIS B 164 -20.28 -16.64 7.43
CA HIS B 164 -20.60 -15.20 7.21
C HIS B 164 -20.09 -14.67 5.86
N ALA B 165 -19.35 -15.43 5.06
CA ALA B 165 -18.72 -14.93 3.81
C ALA B 165 -19.75 -14.88 2.67
N ASP B 166 -19.62 -13.90 1.78
CA ASP B 166 -20.39 -13.84 0.51
C ASP B 166 -19.61 -14.64 -0.55
N VAL B 167 -18.30 -14.48 -0.59
CA VAL B 167 -17.42 -15.16 -1.60
C VAL B 167 -16.25 -15.78 -0.83
N ALA B 168 -15.90 -17.03 -1.14
CA ALA B 168 -14.67 -17.69 -0.62
C ALA B 168 -13.80 -18.11 -1.80
N THR B 169 -12.50 -17.92 -1.67
CA THR B 169 -11.51 -18.15 -2.74
C THR B 169 -10.41 -19.05 -2.24
N PRO B 170 -10.73 -20.25 -1.68
CA PRO B 170 -9.71 -21.19 -1.23
C PRO B 170 -8.88 -21.71 -2.41
N ASN B 171 -7.60 -22.02 -2.16
CA ASN B 171 -6.81 -22.90 -3.04
C ASN B 171 -7.32 -24.34 -2.78
N TYR B 172 -6.87 -25.33 -3.51
CA TYR B 172 -7.46 -26.70 -3.40
C TYR B 172 -7.09 -27.29 -2.03
N PHE B 173 -5.91 -26.98 -1.53
CA PHE B 173 -5.46 -27.46 -0.20
C PHE B 173 -6.43 -26.92 0.86
N GLU B 174 -6.76 -25.64 0.82
CA GLU B 174 -7.66 -25.02 1.83
C GLU B 174 -9.05 -25.63 1.68
N ALA B 175 -9.54 -25.80 0.45
CA ALA B 175 -10.88 -26.37 0.18
C ALA B 175 -10.93 -27.81 0.72
N SER B 176 -9.83 -28.55 0.59
CA SER B 176 -9.70 -29.96 1.04
C SER B 176 -9.73 -30.00 2.56
N ILE B 177 -8.89 -29.20 3.24
CA ILE B 177 -8.78 -29.32 4.72
C ILE B 177 -10.07 -28.77 5.33
N LEU B 178 -10.75 -27.78 4.73
CA LEU B 178 -11.96 -27.19 5.36
C LEU B 178 -13.15 -28.16 5.21
N SER B 179 -13.34 -28.75 4.03
CA SER B 179 -14.49 -29.63 3.70
C SER B 179 -14.23 -31.08 4.16
N THR B 180 -12.97 -31.45 4.36
CA THR B 180 -12.43 -32.83 4.49
C THR B 180 -12.66 -33.63 3.19
N VAL B 181 -12.83 -32.99 2.03
CA VAL B 181 -12.92 -33.71 0.71
C VAL B 181 -11.61 -33.45 -0.04
N GLU B 182 -10.84 -34.50 -0.37
CA GLU B 182 -9.61 -34.39 -1.20
C GLU B 182 -10.03 -33.82 -2.56
N VAL B 183 -9.67 -32.57 -2.84
CA VAL B 183 -10.00 -31.95 -4.16
C VAL B 183 -8.94 -32.39 -5.17
N LYS B 184 -9.30 -33.29 -6.08
CA LYS B 184 -8.36 -33.94 -7.05
C LYS B 184 -8.95 -33.93 -8.47
N ASP B 185 -10.21 -33.53 -8.64
CA ASP B 185 -10.92 -33.46 -9.96
C ASP B 185 -12.20 -32.64 -9.78
N LEU B 186 -12.97 -32.47 -10.87
CA LEU B 186 -14.20 -31.64 -10.90
C LEU B 186 -15.22 -32.19 -9.89
N ALA B 187 -15.45 -33.51 -9.85
CA ALA B 187 -16.42 -34.17 -8.94
C ALA B 187 -16.12 -33.78 -7.48
N SER B 188 -14.88 -33.94 -7.04
CA SER B 188 -14.47 -33.70 -5.64
C SER B 188 -14.43 -32.19 -5.37
N ALA B 189 -14.07 -31.37 -6.35
CA ALA B 189 -14.14 -29.88 -6.23
C ALA B 189 -15.59 -29.49 -5.91
N ILE B 190 -16.54 -30.06 -6.65
CA ILE B 190 -18.01 -29.80 -6.47
C ILE B 190 -18.41 -30.21 -5.06
N GLU B 191 -17.95 -31.35 -4.57
CA GLU B 191 -18.28 -31.80 -3.20
C GLU B 191 -17.73 -30.79 -2.19
N ALA B 192 -16.49 -30.35 -2.35
CA ALA B 192 -15.83 -29.39 -1.43
C ALA B 192 -16.60 -28.08 -1.47
N ALA B 193 -16.95 -27.59 -2.66
CA ALA B 193 -17.75 -26.35 -2.85
C ALA B 193 -19.11 -26.50 -2.16
N ASN B 194 -19.78 -27.64 -2.31
CA ASN B 194 -21.13 -27.87 -1.70
C ASN B 194 -21.01 -27.75 -0.18
N TRP B 195 -19.92 -28.25 0.39
CA TRP B 195 -19.62 -28.09 1.84
C TRP B 195 -19.62 -26.60 2.20
N PHE B 196 -18.97 -25.76 1.39
CA PHE B 196 -18.89 -24.29 1.65
C PHE B 196 -20.30 -23.68 1.62
N HIS B 197 -21.12 -24.10 0.65
CA HIS B 197 -22.52 -23.62 0.51
C HIS B 197 -23.33 -23.96 1.77
N THR B 198 -23.25 -25.21 2.21
CA THR B 198 -23.99 -25.72 3.40
C THR B 198 -23.52 -24.92 4.62
N GLN B 199 -22.24 -24.61 4.71
CA GLN B 199 -21.63 -23.85 5.84
C GLN B 199 -22.16 -22.41 5.81
N GLY B 200 -22.57 -21.90 4.65
CA GLY B 200 -23.22 -20.58 4.52
C GLY B 200 -22.53 -19.62 3.54
N THR B 201 -21.53 -20.05 2.77
CA THR B 201 -20.90 -19.21 1.73
C THR B 201 -21.64 -19.44 0.41
N PRO B 202 -22.41 -18.47 -0.13
CA PRO B 202 -23.14 -18.67 -1.39
C PRO B 202 -22.28 -18.83 -2.66
N THR B 203 -21.10 -18.19 -2.71
CA THR B 203 -20.25 -18.15 -3.93
C THR B 203 -18.83 -18.65 -3.59
N VAL B 204 -18.38 -19.65 -4.32
CA VAL B 204 -17.07 -20.30 -4.07
C VAL B 204 -16.30 -20.31 -5.39
N VAL B 205 -15.02 -19.91 -5.31
CA VAL B 205 -14.03 -20.12 -6.40
C VAL B 205 -12.93 -21.01 -5.84
N ILE B 206 -12.87 -22.25 -6.33
CA ILE B 206 -11.68 -23.12 -6.07
C ILE B 206 -10.70 -22.80 -7.20
N LYS B 207 -9.60 -22.10 -6.85
CA LYS B 207 -8.85 -21.29 -7.83
C LYS B 207 -8.10 -22.19 -8.82
N SER B 208 -7.64 -23.36 -8.38
CA SER B 208 -6.92 -24.31 -9.26
C SER B 208 -6.77 -25.67 -8.58
N PHE B 209 -6.86 -26.74 -9.36
CA PHE B 209 -6.44 -28.09 -8.96
C PHE B 209 -5.89 -28.79 -10.20
N ALA B 210 -4.83 -29.58 -9.96
CA ALA B 210 -4.22 -30.49 -10.95
C ALA B 210 -5.20 -31.65 -11.21
N MET B 211 -5.05 -32.30 -12.37
CA MET B 211 -5.91 -33.42 -12.82
C MET B 211 -4.98 -34.53 -13.34
N ALA B 212 -5.03 -35.72 -12.75
CA ALA B 212 -4.23 -36.88 -13.20
C ALA B 212 -4.48 -37.09 -14.70
N ASP B 213 -5.73 -36.91 -15.12
CA ASP B 213 -6.21 -37.27 -16.48
C ASP B 213 -5.99 -36.09 -17.44
N ASP B 214 -5.38 -34.98 -17.01
CA ASP B 214 -5.12 -33.80 -17.88
C ASP B 214 -3.94 -33.01 -17.29
N PRO B 215 -2.71 -33.58 -17.41
CA PRO B 215 -1.55 -33.02 -16.72
C PRO B 215 -1.07 -31.64 -17.20
N THR B 216 -1.51 -31.13 -18.36
CA THR B 216 -1.01 -29.85 -18.91
C THR B 216 -1.93 -28.70 -18.53
N HIS B 217 -2.98 -28.95 -17.73
CA HIS B 217 -3.93 -27.88 -17.36
C HIS B 217 -4.14 -27.87 -15.85
N LEU B 218 -4.53 -26.71 -15.33
CA LEU B 218 -5.21 -26.58 -14.01
C LEU B 218 -6.68 -26.26 -14.27
N ARG B 219 -7.56 -26.90 -13.51
CA ARG B 219 -9.01 -26.65 -13.54
C ARG B 219 -9.36 -25.76 -12.36
N PHE B 220 -10.31 -24.84 -12.56
CA PHE B 220 -10.93 -24.03 -11.49
C PHE B 220 -12.43 -24.33 -11.48
N LEU B 221 -13.07 -24.07 -10.35
CA LEU B 221 -14.55 -24.18 -10.23
C LEU B 221 -15.10 -22.88 -9.62
N LEU B 222 -16.17 -22.37 -10.19
CA LEU B 222 -17.02 -21.29 -9.64
C LEU B 222 -18.35 -21.94 -9.32
N SER B 223 -18.76 -21.92 -8.04
CA SER B 223 -20.02 -22.54 -7.56
C SER B 223 -20.87 -21.45 -6.89
N CYS B 224 -22.09 -21.26 -7.40
CA CYS B 224 -23.01 -20.14 -7.01
C CYS B 224 -24.34 -20.75 -6.52
N ARG B 225 -24.52 -20.83 -5.21
CA ARG B 225 -25.77 -21.31 -4.57
C ARG B 225 -26.76 -20.15 -4.46
N ASP B 226 -28.01 -20.36 -4.88
CA ASP B 226 -29.11 -19.37 -4.72
C ASP B 226 -29.82 -19.66 -3.40
N LYS B 227 -29.57 -18.83 -2.38
CA LYS B 227 -30.16 -18.96 -1.00
C LYS B 227 -31.67 -19.22 -1.10
N ALA B 228 -32.40 -18.43 -1.89
CA ALA B 228 -33.88 -18.51 -2.05
C ALA B 228 -34.31 -19.87 -2.61
N THR B 229 -33.83 -20.23 -3.82
CA THR B 229 -34.25 -21.42 -4.61
C THR B 229 -33.58 -22.72 -4.12
N GLY B 230 -32.40 -22.64 -3.49
CA GLY B 230 -31.53 -23.80 -3.15
C GLY B 230 -30.76 -24.33 -4.36
N SER B 231 -30.95 -23.75 -5.54
CA SER B 231 -30.30 -24.24 -6.78
C SER B 231 -28.82 -23.82 -6.79
N THR B 232 -27.98 -24.57 -7.50
CA THR B 232 -26.54 -24.27 -7.66
C THR B 232 -26.20 -24.12 -9.14
N LYS B 233 -25.68 -22.96 -9.54
CA LYS B 233 -25.08 -22.72 -10.89
C LYS B 233 -23.58 -23.00 -10.75
N ARG B 234 -23.05 -23.92 -11.54
CA ARG B 234 -21.61 -24.27 -11.52
C ARG B 234 -20.98 -23.87 -12.85
N TYR B 235 -19.74 -23.39 -12.81
CA TYR B 235 -18.92 -23.05 -13.99
C TYR B 235 -17.52 -23.65 -13.79
N THR B 236 -16.91 -24.07 -14.90
CA THR B 236 -15.50 -24.53 -14.87
C THR B 236 -14.81 -24.09 -16.14
N GLY B 237 -13.50 -24.22 -16.10
CA GLY B 237 -12.55 -23.87 -17.15
C GLY B 237 -11.19 -24.31 -16.71
N VAL B 238 -10.21 -23.98 -17.53
CA VAL B 238 -8.80 -24.41 -17.27
C VAL B 238 -7.89 -23.25 -17.59
N VAL B 239 -6.68 -23.35 -17.06
CA VAL B 239 -5.54 -22.56 -17.55
C VAL B 239 -4.42 -23.54 -17.82
N PRO B 240 -3.41 -23.11 -18.59
CA PRO B 240 -2.22 -23.92 -18.79
C PRO B 240 -1.56 -24.14 -17.42
N TYR B 241 -1.02 -25.33 -17.19
CA TYR B 241 -0.32 -25.68 -15.94
C TYR B 241 1.15 -25.33 -16.12
N HIS B 242 1.56 -24.11 -15.76
CA HIS B 242 2.99 -23.69 -15.87
C HIS B 242 3.85 -24.42 -14.83
N GLU B 243 5.06 -24.81 -15.23
CA GLU B 243 6.13 -25.34 -14.33
C GLU B 243 6.48 -24.29 -13.28
N GLY B 244 6.93 -24.75 -12.11
CA GLY B 244 7.47 -23.85 -11.08
C GLY B 244 6.42 -23.52 -10.03
N ARG B 245 6.88 -22.99 -8.90
CA ARG B 245 6.05 -22.59 -7.75
C ARG B 245 6.05 -21.06 -7.75
N TYR B 246 4.89 -20.45 -7.56
CA TYR B 246 4.75 -18.98 -7.53
C TYR B 246 4.18 -18.58 -6.16
N THR B 247 4.65 -17.44 -5.68
CA THR B 247 4.17 -16.80 -4.43
C THR B 247 3.24 -15.64 -4.80
N GLY B 248 2.18 -15.47 -4.01
CA GLY B 248 1.26 -14.32 -4.13
C GLY B 248 0.19 -14.53 -5.18
N THR B 249 0.14 -15.66 -5.87
CA THR B 249 -0.83 -15.87 -6.99
C THR B 249 -2.26 -15.69 -6.46
N GLY B 250 -2.58 -16.35 -5.35
CA GLY B 250 -3.90 -16.24 -4.70
C GLY B 250 -4.24 -14.82 -4.34
N ASP B 251 -3.27 -14.10 -3.81
CA ASP B 251 -3.51 -12.73 -3.29
C ASP B 251 -3.80 -11.81 -4.48
N VAL B 252 -3.09 -11.96 -5.58
CA VAL B 252 -3.34 -11.13 -6.80
C VAL B 252 -4.70 -11.56 -7.33
N PHE B 253 -5.00 -12.86 -7.30
CA PHE B 253 -6.25 -13.43 -7.86
C PHE B 253 -7.46 -12.81 -7.15
N ALA B 254 -7.49 -12.90 -5.82
CA ALA B 254 -8.65 -12.44 -5.04
C ALA B 254 -8.86 -10.94 -5.25
N ALA B 255 -7.79 -10.15 -5.26
CA ALA B 255 -7.81 -8.68 -5.44
C ALA B 255 -8.43 -8.35 -6.80
N SER B 256 -7.97 -9.10 -7.81
CA SER B 256 -8.40 -8.94 -9.22
C SER B 256 -9.88 -9.30 -9.32
N LEU B 257 -10.28 -10.38 -8.66
CA LEU B 257 -11.69 -10.87 -8.63
C LEU B 257 -12.58 -9.79 -8.03
N VAL B 258 -12.18 -9.20 -6.92
CA VAL B 258 -12.98 -8.10 -6.31
C VAL B 258 -13.17 -7.00 -7.36
N ALA B 259 -12.07 -6.64 -8.06
CA ALA B 259 -12.06 -5.50 -9.01
C ALA B 259 -13.06 -5.80 -10.14
N PHE B 260 -12.95 -6.96 -10.78
CA PHE B 260 -13.80 -7.31 -11.95
C PHE B 260 -15.24 -7.58 -11.52
N ALA B 261 -15.44 -8.24 -10.39
CA ALA B 261 -16.79 -8.61 -9.90
C ALA B 261 -17.60 -7.35 -9.56
N HIS B 262 -16.94 -6.21 -9.37
CA HIS B 262 -17.62 -4.91 -9.11
C HIS B 262 -18.54 -4.56 -10.28
N SER B 263 -18.13 -4.81 -11.52
CA SER B 263 -18.92 -4.40 -12.72
C SER B 263 -19.27 -5.60 -13.62
N ASP B 264 -18.72 -6.79 -13.39
CA ASP B 264 -18.94 -7.96 -14.27
C ASP B 264 -19.71 -9.02 -13.51
N PRO B 265 -20.51 -9.85 -14.20
CA PRO B 265 -21.05 -11.04 -13.57
C PRO B 265 -19.87 -11.91 -13.13
N MET B 266 -20.09 -12.70 -12.08
CA MET B 266 -19.02 -13.45 -11.37
C MET B 266 -18.28 -14.38 -12.35
N ASP B 267 -18.99 -15.04 -13.28
CA ASP B 267 -18.36 -15.96 -14.27
C ASP B 267 -17.35 -15.17 -15.10
N LEU B 268 -17.73 -14.02 -15.64
CA LEU B 268 -16.81 -13.18 -16.44
C LEU B 268 -15.68 -12.61 -15.57
N ALA B 269 -15.98 -12.29 -14.32
CA ALA B 269 -15.03 -11.72 -13.35
C ALA B 269 -13.93 -12.76 -13.09
N VAL B 270 -14.32 -14.01 -12.92
CA VAL B 270 -13.35 -15.13 -12.74
C VAL B 270 -12.49 -15.25 -14.01
N GLY B 271 -13.08 -15.10 -15.20
CA GLY B 271 -12.35 -15.25 -16.47
C GLY B 271 -11.23 -14.22 -16.60
N LYS B 272 -11.54 -12.97 -16.28
CA LYS B 272 -10.60 -11.84 -16.35
C LYS B 272 -9.50 -12.05 -15.31
N ALA B 273 -9.86 -12.44 -14.08
CA ALA B 273 -8.92 -12.60 -12.96
C ALA B 273 -7.94 -13.72 -13.32
N MET B 274 -8.42 -14.81 -13.92
CA MET B 274 -7.57 -15.92 -14.42
C MET B 274 -6.59 -15.37 -15.49
N GLY B 275 -7.10 -14.63 -16.47
CA GLY B 275 -6.26 -13.99 -17.52
C GLY B 275 -5.19 -13.09 -16.92
N VAL B 276 -5.53 -12.30 -15.91
CA VAL B 276 -4.51 -11.44 -15.23
C VAL B 276 -3.39 -12.32 -14.68
N LEU B 277 -3.72 -13.41 -13.99
CA LEU B 277 -2.70 -14.31 -13.38
C LEU B 277 -1.87 -14.98 -14.48
N GLN B 278 -2.50 -15.41 -15.58
CA GLN B 278 -1.79 -16.05 -16.70
C GLN B 278 -0.79 -15.05 -17.31
N ASP B 279 -1.17 -13.79 -17.54
CA ASP B 279 -0.23 -12.76 -18.06
C ASP B 279 0.93 -12.62 -17.09
N LEU B 280 0.65 -12.50 -15.80
CA LEU B 280 1.69 -12.27 -14.77
C LEU B 280 2.65 -13.46 -14.75
N ILE B 281 2.12 -14.69 -14.69
CA ILE B 281 2.98 -15.91 -14.59
C ILE B 281 3.85 -16.02 -15.84
N LYS B 282 3.26 -15.84 -17.02
CA LYS B 282 3.98 -15.97 -18.33
C LYS B 282 5.04 -14.89 -18.45
N ALA B 283 4.80 -13.70 -17.89
CA ALA B 283 5.78 -12.58 -17.85
C ALA B 283 6.94 -13.00 -16.95
N THR B 284 6.66 -13.52 -15.76
CA THR B 284 7.71 -14.03 -14.84
C THR B 284 8.58 -15.07 -15.56
N ILE B 285 8.00 -15.89 -16.45
CA ILE B 285 8.72 -16.99 -17.16
C ILE B 285 9.64 -16.41 -18.25
N GLU B 286 9.22 -15.37 -18.98
CA GLU B 286 10.04 -14.63 -19.98
C GLU B 286 10.46 -13.26 -19.42
N ARG B 298 9.37 -17.22 -9.10
CA ARG B 298 8.64 -17.37 -7.80
C ARG B 298 7.95 -16.04 -7.42
N GLU B 299 8.65 -14.91 -7.50
CA GLU B 299 8.15 -13.57 -7.09
C GLU B 299 7.31 -13.02 -8.27
N LEU B 300 6.06 -12.62 -8.02
CA LEU B 300 5.18 -12.01 -9.06
C LEU B 300 5.46 -10.50 -9.07
N ARG B 301 6.01 -10.01 -10.18
CA ARG B 301 6.40 -8.59 -10.35
C ARG B 301 5.13 -7.77 -10.63
N VAL B 302 4.30 -7.54 -9.61
CA VAL B 302 2.89 -7.06 -9.81
C VAL B 302 2.93 -5.69 -10.48
N THR B 303 3.91 -4.85 -10.17
CA THR B 303 3.93 -3.44 -10.57
C THR B 303 4.54 -3.26 -11.96
N SER B 304 5.09 -4.31 -12.58
CA SER B 304 5.76 -4.24 -13.90
C SER B 304 4.74 -4.25 -15.04
N TYR B 305 3.53 -4.77 -14.81
CA TYR B 305 2.52 -5.03 -15.86
C TYR B 305 1.22 -4.27 -15.57
N PRO B 306 1.22 -2.92 -15.45
CA PRO B 306 0.02 -2.21 -15.02
C PRO B 306 -1.15 -2.38 -16.00
N ASP B 307 -0.89 -2.43 -17.31
CA ASP B 307 -2.00 -2.55 -18.31
C ASP B 307 -2.58 -3.97 -18.27
N ARG B 308 -1.74 -4.99 -18.11
CA ARG B 308 -2.13 -6.43 -18.01
C ARG B 308 -3.01 -6.64 -16.76
N LEU B 309 -2.76 -5.91 -15.69
CA LEU B 309 -3.58 -6.00 -14.43
C LEU B 309 -5.01 -5.53 -14.71
N GLN B 310 -5.20 -4.57 -15.63
CA GLN B 310 -6.54 -3.99 -15.93
C GLN B 310 -7.19 -4.70 -17.12
N HIS B 311 -6.40 -5.10 -18.11
CA HIS B 311 -6.88 -5.63 -19.43
C HIS B 311 -6.02 -6.82 -19.77
N PRO B 312 -6.28 -8.02 -19.20
CA PRO B 312 -5.46 -9.19 -19.47
C PRO B 312 -5.47 -9.52 -20.97
N SER B 313 -4.31 -9.92 -21.49
CA SER B 313 -4.08 -10.20 -22.93
C SER B 313 -5.07 -11.28 -23.41
N SER B 314 -5.62 -12.08 -22.50
CA SER B 314 -6.74 -13.01 -22.80
C SER B 314 -7.49 -13.39 -21.51
N VAL B 315 -8.78 -13.64 -21.64
CA VAL B 315 -9.69 -14.09 -20.56
C VAL B 315 -9.77 -15.62 -20.65
N ALA B 316 -9.77 -16.31 -19.50
CA ALA B 316 -10.08 -17.75 -19.41
C ALA B 316 -11.57 -17.94 -19.72
N LEU B 317 -11.93 -18.93 -20.54
CA LEU B 317 -13.34 -19.33 -20.70
C LEU B 317 -13.85 -19.87 -19.37
N VAL B 318 -15.00 -19.38 -18.95
CA VAL B 318 -15.69 -19.84 -17.73
C VAL B 318 -17.06 -20.28 -18.21
N THR B 319 -17.29 -21.59 -18.31
CA THR B 319 -18.46 -22.18 -19.03
C THR B 319 -19.38 -22.83 -18.02
N PRO B 320 -20.72 -22.63 -18.10
CA PRO B 320 -21.65 -23.33 -17.23
C PRO B 320 -21.56 -24.86 -17.34
N LEU B 321 -21.78 -25.56 -16.23
CA LEU B 321 -21.94 -27.05 -16.21
C LEU B 321 -23.42 -27.41 -16.23
N PRO B 322 -23.79 -28.54 -16.87
CA PRO B 322 -25.15 -29.02 -16.88
C PRO B 322 -25.57 -29.43 -15.46
#